data_9AT7
#
_entry.id   9AT7
#
_cell.length_a   55.279
_cell.length_b   98.411
_cell.length_c   58.725
_cell.angle_alpha   90.00
_cell.angle_beta   107.93
_cell.angle_gamma   90.00
#
_symmetry.space_group_name_H-M   'P 1 21 1'
#
loop_
_entity.id
_entity.type
_entity.pdbx_description
1 polymer '3C-like proteinase nsp5'
2 non-polymer '(1R,2S)-2-({N-[({(2S)-1-[(2,2-difluoro-2H-1,3-benzodioxol-5-yl)methyl]-5-oxopyrrolidin-2-yl}methoxy)carbonyl]-L-leucyl}amino)-1-hydroxy-3-[(3S)-2-oxopyrrolidin-3-yl]propane-1-sulfonic acid'
3 non-polymer '(1S,2S)-2-({N-[({(2S)-1-[(2,2-difluoro-2H-1,3-benzodioxol-5-yl)methyl]-5-oxopyrrolidin-2-yl}methoxy)carbonyl]-L-leucyl}amino)-1-hydroxy-3-[(3S)-2-oxopyrrolidin-3-yl]propane-1-sulfonic acid'
4 non-polymer 'TETRAETHYLENE GLYCOL'
5 water water
#
_entity_poly.entity_id   1
_entity_poly.type   'polypeptide(L)'
_entity_poly.pdbx_seq_one_letter_code
;SNIGSGFRKMAFPSGKVEGCMVQVTCGTTTLNGLWLDDVVYCPRHVICTSEDMLNPNYEDLLIRKSNHNFLVQAGNVQLR
VIGHSMQNCVLKLKVDTANPKTPKYKFVRIQPGQTFSVLACYNGSPSGVYQCAMRPNFTIKGSFLNGSCGSVGFNIDYDC
VSFCYMHHMELPTGVHAGTDLEGNFYGPFVDRQTAQAAGTDTTITVNVLAWLYAAVINGDRWFLNRFTTTLNDFNLVAMK
YNYEPLTQDHVDILGPLSAQTGIAVLDMCASLKELLQNGMNGRTILGSALLEDEFTPFDVVRQCSGVT
;
_entity_poly.pdbx_strand_id   A,B
#
# COMPACT_ATOMS: atom_id res chain seq x y z
N PHE A 7 -7.79 -8.02 -6.83
CA PHE A 7 -6.39 -7.84 -7.22
C PHE A 7 -5.83 -6.49 -6.79
N ARG A 8 -4.76 -6.53 -6.01
CA ARG A 8 -4.34 -5.38 -5.21
C ARG A 8 -2.90 -4.98 -5.48
N LYS A 9 -2.69 -3.67 -5.55
CA LYS A 9 -1.34 -3.13 -5.63
C LYS A 9 -0.70 -3.25 -4.25
N MET A 10 0.34 -4.05 -4.16
CA MET A 10 0.84 -4.57 -2.90
C MET A 10 2.31 -4.19 -2.77
N ALA A 11 2.65 -3.63 -1.62
CA ALA A 11 4.03 -3.27 -1.30
C ALA A 11 4.67 -4.43 -0.52
N PHE A 12 5.99 -4.53 -0.66
CA PHE A 12 6.77 -5.44 0.17
C PHE A 12 6.66 -5.06 1.64
N PRO A 13 6.69 -6.05 2.54
CA PRO A 13 6.74 -5.71 3.97
C PRO A 13 7.97 -4.86 4.23
N SER A 14 7.78 -3.78 4.96
CA SER A 14 8.79 -2.74 5.07
C SER A 14 9.68 -2.86 6.30
N GLY A 15 9.45 -3.87 7.15
CA GLY A 15 10.18 -3.93 8.41
C GLY A 15 11.69 -3.90 8.27
N LYS A 16 12.23 -4.66 7.31
CA LYS A 16 13.68 -4.70 7.20
C LYS A 16 14.25 -3.33 6.88
N VAL A 17 13.47 -2.50 6.19
CA VAL A 17 13.95 -1.15 5.84
C VAL A 17 13.72 -0.17 6.99
N GLU A 18 12.60 -0.31 7.71
CA GLU A 18 12.33 0.59 8.84
C GLU A 18 13.48 0.58 9.82
N GLY A 19 14.06 -0.58 10.04
CA GLY A 19 15.14 -0.74 10.99
C GLY A 19 16.41 -0.04 10.58
N CYS A 20 16.46 0.49 9.37
CA CYS A 20 17.60 1.24 8.88
C CYS A 20 17.40 2.74 8.81
N MET A 21 16.21 3.26 9.09
CA MET A 21 16.00 4.68 8.84
C MET A 21 16.43 5.50 10.03
N VAL A 22 17.16 6.57 9.76
CA VAL A 22 17.66 7.50 10.76
C VAL A 22 17.41 8.91 10.26
N GLN A 23 17.55 9.87 11.17
CA GLN A 23 17.44 11.28 10.84
C GLN A 23 18.84 11.88 10.72
N VAL A 24 19.02 12.75 9.73
CA VAL A 24 20.28 13.44 9.43
C VAL A 24 20.01 14.94 9.36
N THR A 25 20.75 15.72 10.15
CA THR A 25 20.57 17.17 10.14
C THR A 25 21.92 17.83 9.87
N CYS A 26 21.86 18.91 9.11
CA CYS A 26 23.00 19.78 8.86
C CYS A 26 22.45 21.20 8.83
N GLY A 27 22.89 22.02 9.76
CA GLY A 27 22.37 23.37 9.83
C GLY A 27 20.89 23.33 10.19
N THR A 28 20.08 23.97 9.38
CA THR A 28 18.62 23.97 9.55
C THR A 28 17.94 22.96 8.65
N THR A 29 18.71 22.07 8.02
CA THR A 29 18.16 21.13 7.06
C THR A 29 18.11 19.74 7.69
N THR A 30 16.95 19.10 7.63
CA THR A 30 16.80 17.77 8.17
C THR A 30 16.14 16.89 7.13
N LEU A 31 16.68 15.69 6.95
CA LEU A 31 16.01 14.71 6.11
C LEU A 31 16.36 13.33 6.65
N ASN A 32 16.00 12.30 5.89
CA ASN A 32 16.24 10.93 6.31
C ASN A 32 17.54 10.36 5.76
N GLY A 33 18.14 9.44 6.51
CA GLY A 33 19.18 8.60 6.00
C GLY A 33 18.93 7.12 6.23
N LEU A 34 19.70 6.33 5.48
CA LEU A 34 19.66 4.90 5.47
C LEU A 34 20.95 4.39 6.08
N TRP A 35 20.84 3.67 7.18
CA TRP A 35 21.97 3.25 8.01
C TRP A 35 22.19 1.75 7.79
N LEU A 36 23.27 1.41 7.08
CA LEU A 36 23.59 0.02 6.76
C LEU A 36 25.01 -0.23 7.29
N ASP A 37 25.13 -1.23 8.14
CA ASP A 37 26.37 -1.47 8.89
C ASP A 37 26.82 -0.18 9.54
N ASP A 38 28.03 0.32 9.25
CA ASP A 38 28.49 1.54 9.90
C ASP A 38 28.48 2.75 8.96
N VAL A 39 27.57 2.79 7.99
CA VAL A 39 27.50 3.93 7.08
C VAL A 39 26.06 4.40 6.95
N VAL A 40 25.86 5.72 6.95
CA VAL A 40 24.57 6.35 6.73
C VAL A 40 24.58 7.05 5.36
N TYR A 41 23.62 6.68 4.51
CA TYR A 41 23.49 7.22 3.17
C TYR A 41 22.34 8.21 3.16
N CYS A 42 22.54 9.40 2.57
CA CYS A 42 21.47 10.37 2.47
C CYS A 42 21.73 11.30 1.30
N PRO A 43 20.73 12.10 0.92
CA PRO A 43 20.92 13.05 -0.18
C PRO A 43 21.93 14.10 0.22
N ARG A 44 22.86 14.39 -0.70
CA ARG A 44 23.87 15.40 -0.40
C ARG A 44 23.30 16.80 -0.27
N HIS A 45 22.12 17.10 -0.80
CA HIS A 45 21.67 18.47 -0.61
C HIS A 45 21.33 18.79 0.84
N VAL A 46 21.47 17.86 1.77
CA VAL A 46 21.30 18.21 3.18
C VAL A 46 22.31 19.27 3.56
N ILE A 47 23.47 19.27 2.91
CA ILE A 47 24.50 20.21 3.32
C ILE A 47 24.23 21.63 2.87
N CYS A 48 23.16 21.80 2.11
CA CYS A 48 22.89 23.12 1.50
C CYS A 48 21.94 24.00 2.32
N THR A 49 22.27 25.30 2.43
CA THR A 49 21.35 26.26 3.00
C THR A 49 20.31 26.63 1.96
N SER A 50 19.42 27.55 2.35
CA SER A 50 18.48 28.13 1.40
C SER A 50 19.20 28.69 0.18
N GLU A 51 20.13 29.60 0.39
CA GLU A 51 20.82 30.23 -0.74
C GLU A 51 21.68 29.22 -1.49
N ASP A 52 22.22 28.23 -0.79
CA ASP A 52 23.08 27.25 -1.46
C ASP A 52 22.31 26.49 -2.53
N MET A 53 21.03 26.21 -2.29
CA MET A 53 20.29 25.26 -3.12
C MET A 53 20.08 25.76 -4.55
N LEU A 54 20.10 27.08 -4.77
CA LEU A 54 19.77 27.59 -6.11
C LEU A 54 20.82 27.25 -7.15
N ASN A 55 22.09 27.09 -6.74
CA ASN A 55 23.16 26.66 -7.63
C ASN A 55 24.34 26.19 -6.78
N PRO A 56 24.30 24.95 -6.32
CA PRO A 56 25.27 24.47 -5.34
C PRO A 56 26.54 23.85 -5.94
N ASN A 57 27.71 24.32 -5.52
CA ASN A 57 28.96 23.66 -5.85
C ASN A 57 29.26 22.64 -4.76
N TYR A 58 28.72 21.43 -4.93
CA TYR A 58 28.73 20.44 -3.85
C TYR A 58 30.14 20.09 -3.37
N GLU A 59 31.10 19.93 -4.29
CA GLU A 59 32.46 19.61 -3.85
C GLU A 59 33.00 20.72 -2.96
N ASP A 60 32.74 21.97 -3.35
CA ASP A 60 33.14 23.13 -2.55
C ASP A 60 32.40 23.19 -1.21
N LEU A 61 31.08 23.03 -1.23
CA LEU A 61 30.35 23.05 0.02
C LEU A 61 30.78 21.88 0.91
N LEU A 62 31.12 20.73 0.32
CA LEU A 62 31.43 19.57 1.14
C LEU A 62 32.77 19.70 1.84
N ILE A 63 33.77 20.28 1.18
CA ILE A 63 35.10 20.36 1.79
C ILE A 63 35.10 21.28 3.03
N ARG A 64 34.15 22.20 3.10
CA ARG A 64 34.02 23.18 4.18
C ARG A 64 33.22 22.65 5.37
N LYS A 65 32.78 21.40 5.32
CA LYS A 65 32.06 20.76 6.41
C LYS A 65 32.99 19.84 7.18
N SER A 66 32.73 19.72 8.47
CA SER A 66 33.37 18.75 9.34
C SER A 66 32.39 17.65 9.69
N ASN A 67 32.93 16.51 10.10
CA ASN A 67 32.08 15.45 10.63
C ASN A 67 31.08 15.99 11.66
N HIS A 68 31.53 16.89 12.56
CA HIS A 68 30.66 17.39 13.61
C HIS A 68 29.60 18.36 13.11
N ASN A 69 29.58 18.69 11.82
CA ASN A 69 28.48 19.46 11.26
C ASN A 69 27.24 18.60 11.04
N PHE A 70 27.38 17.29 11.13
CA PHE A 70 26.32 16.34 10.80
C PHE A 70 25.81 15.68 12.07
N LEU A 71 24.53 15.92 12.37
CA LEU A 71 23.88 15.26 13.49
C LEU A 71 23.03 14.12 12.93
N VAL A 72 23.36 12.91 13.34
CA VAL A 72 22.60 11.71 12.98
C VAL A 72 21.92 11.19 14.22
N GLN A 73 20.61 10.94 14.13
CA GLN A 73 19.85 10.41 15.26
C GLN A 73 19.14 9.14 14.86
N ALA A 74 19.39 8.06 15.60
CA ALA A 74 18.61 6.81 15.53
C ALA A 74 17.67 6.83 16.72
N GLY A 75 16.41 7.18 16.49
CA GLY A 75 15.52 7.37 17.61
C GLY A 75 16.04 8.48 18.51
N ASN A 76 16.20 8.15 19.80
CA ASN A 76 16.72 9.11 20.76
C ASN A 76 18.25 9.19 20.74
N VAL A 77 18.91 8.19 20.15
CA VAL A 77 20.35 8.03 20.23
C VAL A 77 21.01 8.82 19.11
N GLN A 78 22.02 9.62 19.45
CA GLN A 78 22.83 10.30 18.45
C GLN A 78 23.98 9.36 18.10
N LEU A 79 24.26 9.21 16.81
CA LEU A 79 25.39 8.43 16.34
C LEU A 79 26.51 9.39 15.97
N ARG A 80 27.72 9.07 16.38
CA ARG A 80 28.84 9.95 16.13
C ARG A 80 29.37 9.68 14.73
N VAL A 81 29.39 10.74 13.92
CA VAL A 81 29.95 10.73 12.58
C VAL A 81 31.47 10.83 12.67
N ILE A 82 32.16 9.79 12.21
CA ILE A 82 33.63 9.74 12.23
C ILE A 82 34.23 9.80 10.82
N GLY A 83 33.51 10.36 9.87
CA GLY A 83 34.04 10.50 8.53
C GLY A 83 32.91 10.64 7.55
N HIS A 84 33.19 11.30 6.44
CA HIS A 84 32.16 11.59 5.44
C HIS A 84 32.77 11.63 4.04
N SER A 85 32.03 11.12 3.06
CA SER A 85 32.41 11.26 1.67
C SER A 85 31.15 11.36 0.82
N MET A 86 31.36 11.67 -0.45
CA MET A 86 30.28 11.91 -1.38
C MET A 86 30.47 11.02 -2.61
N GLN A 87 29.41 10.33 -3.02
CA GLN A 87 29.42 9.53 -4.23
C GLN A 87 28.27 10.06 -5.07
N ASN A 88 28.60 10.70 -6.18
CA ASN A 88 27.59 11.40 -6.97
C ASN A 88 26.66 12.24 -6.08
N CYS A 89 25.34 12.03 -6.09
CA CYS A 89 24.45 12.90 -5.32
C CYS A 89 24.13 12.36 -3.93
N VAL A 90 24.83 11.32 -3.48
CA VAL A 90 24.62 10.77 -2.14
CA VAL A 90 24.64 10.74 -2.15
C VAL A 90 25.83 11.05 -1.26
N LEU A 91 25.54 11.47 -0.04
CA LEU A 91 26.52 11.67 1.01
C LEU A 91 26.57 10.40 1.83
N LYS A 92 27.79 9.97 2.18
CA LYS A 92 27.99 8.80 3.00
C LYS A 92 28.65 9.23 4.30
N LEU A 93 27.96 8.99 5.41
CA LEU A 93 28.43 9.38 6.74
C LEU A 93 28.84 8.12 7.49
N LYS A 94 30.13 8.00 7.77
CA LYS A 94 30.64 6.88 8.54
C LYS A 94 30.37 7.17 10.01
N VAL A 95 29.75 6.22 10.71
CA VAL A 95 29.42 6.37 12.12
C VAL A 95 30.14 5.30 12.93
N ASP A 96 30.26 5.56 14.23
CA ASP A 96 31.04 4.70 15.11
C ASP A 96 30.31 3.46 15.59
N THR A 97 29.05 3.25 15.22
CA THR A 97 28.34 2.04 15.63
C THR A 97 27.73 1.36 14.42
N ALA A 98 27.71 0.04 14.45
CA ALA A 98 27.07 -0.73 13.40
C ALA A 98 25.61 -0.89 13.73
N ASN A 99 24.78 -0.92 12.67
CA ASN A 99 23.36 -1.18 12.84
C ASN A 99 23.10 -2.67 12.91
N PRO A 100 22.73 -3.20 14.09
CA PRO A 100 22.49 -4.64 14.17
C PRO A 100 21.28 -5.07 13.39
N LYS A 101 20.42 -4.14 13.00
CA LYS A 101 19.23 -4.46 12.22
C LYS A 101 19.49 -4.43 10.72
N THR A 102 20.74 -4.27 10.29
CA THR A 102 21.09 -4.28 8.88
C THR A 102 20.64 -5.58 8.23
N PRO A 103 19.80 -5.55 7.19
CA PRO A 103 19.42 -6.78 6.52
C PRO A 103 20.51 -7.19 5.54
N LYS A 104 20.37 -8.40 5.01
CA LYS A 104 21.10 -8.72 3.79
C LYS A 104 20.62 -7.77 2.70
N TYR A 105 21.54 -7.18 1.93
CA TYR A 105 21.09 -6.17 0.98
C TYR A 105 22.01 -6.07 -0.22
N LYS A 106 21.51 -5.39 -1.24
CA LYS A 106 22.29 -5.00 -2.41
C LYS A 106 21.75 -3.68 -2.92
N PHE A 107 22.59 -2.97 -3.65
CA PHE A 107 22.20 -1.76 -4.34
C PHE A 107 22.00 -2.11 -5.78
N VAL A 108 20.84 -1.80 -6.34
CA VAL A 108 20.61 -2.05 -7.75
C VAL A 108 20.10 -0.78 -8.41
N ARG A 109 20.36 -0.67 -9.69
CA ARG A 109 19.74 0.33 -10.52
C ARG A 109 18.63 -0.35 -11.31
N ILE A 110 17.39 0.11 -11.13
CA ILE A 110 16.28 -0.53 -11.83
C ILE A 110 16.08 0.13 -13.19
N GLN A 111 15.43 -0.63 -14.10
CA GLN A 111 15.05 -0.31 -15.46
C GLN A 111 13.70 0.39 -15.47
N PRO A 112 13.48 1.29 -16.40
CA PRO A 112 12.15 1.87 -16.53
C PRO A 112 11.14 0.75 -16.78
N GLY A 113 9.97 0.92 -16.20
CA GLY A 113 8.94 -0.09 -16.20
C GLY A 113 8.94 -1.02 -15.01
N GLN A 114 10.06 -1.11 -14.29
CA GLN A 114 10.12 -1.97 -13.12
C GLN A 114 9.45 -1.27 -11.94
N THR A 115 8.99 -2.08 -10.98
CA THR A 115 8.29 -1.55 -9.81
C THR A 115 9.13 -1.75 -8.55
N PHE A 116 8.79 -0.96 -7.54
CA PHE A 116 9.46 -1.09 -6.25
C PHE A 116 8.56 -0.50 -5.20
N SER A 117 8.84 -0.84 -3.96
CA SER A 117 8.13 -0.27 -2.83
C SER A 117 8.87 0.94 -2.30
N VAL A 118 8.12 1.95 -1.89
CA VAL A 118 8.66 3.14 -1.26
C VAL A 118 8.26 3.15 0.21
N LEU A 119 9.23 3.40 1.10
CA LEU A 119 8.95 3.61 2.52
C LEU A 119 9.11 5.11 2.73
N ALA A 120 8.01 5.81 2.75
CA ALA A 120 8.05 7.24 2.97
C ALA A 120 8.29 7.52 4.44
N CYS A 121 9.29 8.38 4.73
CA CYS A 121 9.72 8.69 6.09
C CYS A 121 9.86 10.19 6.28
N TYR A 122 9.65 10.63 7.52
CA TYR A 122 9.81 12.04 7.92
C TYR A 122 10.56 12.07 9.25
N ASN A 123 11.62 12.90 9.32
CA ASN A 123 12.45 12.99 10.53
C ASN A 123 12.94 11.62 11.00
N GLY A 124 13.27 10.78 10.04
CA GLY A 124 13.82 9.49 10.36
C GLY A 124 12.79 8.46 10.75
N SER A 125 11.51 8.84 10.74
CA SER A 125 10.43 7.95 11.19
C SER A 125 9.59 7.47 10.01
N PRO A 126 9.43 6.16 9.85
CA PRO A 126 8.59 5.63 8.79
C PRO A 126 7.13 6.06 8.92
N SER A 127 6.54 6.42 7.79
CA SER A 127 5.21 7.00 7.73
C SER A 127 4.22 6.21 6.88
N GLY A 128 4.64 5.68 5.74
CA GLY A 128 3.75 4.89 4.91
C GLY A 128 4.55 4.12 3.90
N VAL A 129 3.91 3.11 3.29
CA VAL A 129 4.56 2.27 2.30
CA VAL A 129 4.55 2.25 2.30
C VAL A 129 3.62 2.08 1.12
N TYR A 130 4.19 2.14 -0.08
CA TYR A 130 3.38 2.01 -1.27
C TYR A 130 4.27 1.63 -2.43
N GLN A 131 3.61 1.09 -3.46
CA GLN A 131 4.23 0.57 -4.66
C GLN A 131 4.25 1.63 -5.78
N CYS A 132 5.39 1.73 -6.45
CA CYS A 132 5.61 2.74 -7.50
C CYS A 132 6.30 2.05 -8.66
N ALA A 133 6.25 2.67 -9.83
CA ALA A 133 7.06 2.19 -10.94
C ALA A 133 7.99 3.30 -11.39
N MET A 134 9.15 2.88 -11.86
CA MET A 134 10.04 3.82 -12.52
C MET A 134 9.41 4.16 -13.88
N ARG A 135 8.97 5.40 -14.07
CA ARG A 135 8.31 5.76 -15.33
C ARG A 135 9.31 5.67 -16.48
N PRO A 136 8.83 5.55 -17.70
CA PRO A 136 9.75 5.60 -18.85
C PRO A 136 10.52 6.89 -18.95
N ASN A 137 9.94 8.02 -18.53
CA ASN A 137 10.65 9.29 -18.50
C ASN A 137 11.45 9.46 -17.22
N PHE A 138 11.56 8.42 -16.41
CA PHE A 138 12.45 8.35 -15.24
C PHE A 138 11.98 9.23 -14.08
N THR A 139 10.73 9.61 -14.06
CA THR A 139 10.11 10.13 -12.84
C THR A 139 9.40 8.99 -12.12
N ILE A 140 8.94 9.26 -10.92
CA ILE A 140 8.03 8.35 -10.23
C ILE A 140 6.85 9.14 -9.70
N LYS A 141 5.67 8.54 -9.79
CA LYS A 141 4.46 9.19 -9.32
C LYS A 141 4.30 8.77 -7.86
N GLY A 142 4.97 9.50 -6.97
CA GLY A 142 4.98 9.18 -5.58
C GLY A 142 4.11 10.09 -4.75
N SER A 143 4.21 9.90 -3.45
CA SER A 143 3.55 10.74 -2.46
C SER A 143 4.66 11.06 -1.48
N PHE A 144 5.16 12.28 -1.62
CA PHE A 144 6.32 12.76 -0.90
C PHE A 144 6.06 14.21 -0.55
N LEU A 145 6.18 14.52 0.71
CA LEU A 145 6.00 15.86 1.23
C LEU A 145 7.35 16.44 1.66
N ASN A 146 7.32 17.69 2.13
CA ASN A 146 8.52 18.25 2.75
C ASN A 146 9.09 17.28 3.78
N GLY A 147 10.40 17.11 3.75
CA GLY A 147 11.10 16.28 4.73
C GLY A 147 11.19 14.82 4.35
N SER A 148 10.64 14.44 3.19
CA SER A 148 10.68 13.05 2.73
C SER A 148 12.02 12.66 2.14
N CYS A 149 12.91 13.59 1.86
CA CYS A 149 14.13 13.22 1.15
C CYS A 149 14.92 12.21 1.96
N GLY A 150 15.56 11.29 1.25
CA GLY A 150 16.25 10.18 1.84
C GLY A 150 15.39 8.97 2.07
N SER A 151 14.06 9.11 1.96
CA SER A 151 13.23 7.91 1.83
C SER A 151 13.74 7.06 0.67
N VAL A 152 13.61 5.74 0.80
CA VAL A 152 14.18 4.82 -0.18
C VAL A 152 13.10 3.92 -0.76
N GLY A 153 13.40 3.47 -1.98
CA GLY A 153 12.62 2.47 -2.67
C GLY A 153 13.40 1.16 -2.75
N PHE A 154 12.66 0.05 -2.74
CA PHE A 154 13.34 -1.24 -2.62
C PHE A 154 12.43 -2.37 -3.10
N ASN A 155 13.08 -3.50 -3.37
CA ASN A 155 12.43 -4.78 -3.60
C ASN A 155 13.02 -5.80 -2.64
N ILE A 156 12.27 -6.85 -2.33
CA ILE A 156 12.76 -7.91 -1.44
C ILE A 156 12.70 -9.23 -2.20
N ASP A 157 13.82 -9.94 -2.19
CA ASP A 157 14.00 -11.23 -2.85
C ASP A 157 14.55 -12.18 -1.79
N TYR A 158 13.72 -13.12 -1.34
CA TYR A 158 14.11 -13.99 -0.23
C TYR A 158 14.19 -13.14 1.03
N ASP A 159 15.36 -13.07 1.65
CA ASP A 159 15.57 -12.15 2.76
C ASP A 159 16.46 -10.97 2.37
N CYS A 160 16.75 -10.81 1.07
CA CYS A 160 17.68 -9.80 0.58
C CYS A 160 16.93 -8.57 0.10
N VAL A 161 17.29 -7.42 0.63
CA VAL A 161 16.71 -6.14 0.24
C VAL A 161 17.59 -5.52 -0.83
N SER A 162 17.00 -5.28 -2.00
CA SER A 162 17.66 -4.60 -3.10
C SER A 162 17.12 -3.16 -3.09
N PHE A 163 17.96 -2.23 -2.62
CA PHE A 163 17.63 -0.81 -2.64
C PHE A 163 17.84 -0.26 -4.04
N CYS A 164 16.85 0.44 -4.57
CA CYS A 164 16.94 0.94 -5.93
C CYS A 164 16.70 2.44 -6.06
N TYR A 165 16.29 3.13 -5.01
CA TYR A 165 15.84 4.51 -5.14
C TYR A 165 16.02 5.23 -3.82
N MET A 166 16.48 6.47 -3.90
CA MET A 166 16.54 7.40 -2.78
C MET A 166 15.94 8.70 -3.25
N HIS A 167 15.08 9.28 -2.43
CA HIS A 167 14.28 10.40 -2.87
C HIS A 167 14.97 11.74 -2.69
N HIS A 168 14.92 12.58 -3.76
CA HIS A 168 15.53 13.92 -3.73
C HIS A 168 14.64 15.13 -4.06
N MET A 169 13.60 15.04 -4.89
CA MET A 169 12.94 16.25 -5.37
C MET A 169 11.56 15.97 -5.96
N GLU A 170 10.81 17.05 -6.10
CA GLU A 170 9.50 17.10 -6.75
C GLU A 170 9.59 18.04 -7.94
N LEU A 171 8.94 17.71 -9.01
CA LEU A 171 8.88 18.56 -10.18
C LEU A 171 7.57 19.34 -10.17
N PRO A 172 7.47 20.38 -10.99
CA PRO A 172 6.27 21.25 -10.91
C PRO A 172 4.97 20.53 -11.22
N THR A 173 5.01 19.42 -11.97
CA THR A 173 3.83 18.61 -12.30
C THR A 173 3.41 17.70 -11.17
N GLY A 174 4.10 17.72 -10.03
CA GLY A 174 3.77 16.88 -8.90
C GLY A 174 4.35 15.48 -8.94
N VAL A 175 5.15 15.14 -9.95
CA VAL A 175 5.87 13.86 -9.94
C VAL A 175 7.22 14.10 -9.26
N HIS A 176 7.98 13.02 -9.12
CA HIS A 176 9.12 12.97 -8.22
C HIS A 176 10.35 12.40 -8.93
N ALA A 177 11.51 12.76 -8.38
CA ALA A 177 12.78 12.34 -8.97
C ALA A 177 13.83 12.11 -7.89
N GLY A 178 14.71 11.19 -8.21
CA GLY A 178 15.70 10.75 -7.26
C GLY A 178 16.75 9.91 -7.93
N THR A 179 17.57 9.29 -7.09
CA THR A 179 18.77 8.58 -7.50
C THR A 179 18.70 7.10 -7.11
N ASP A 180 19.65 6.34 -7.65
CA ASP A 180 19.93 5.04 -7.07
C ASP A 180 20.84 5.22 -5.87
N LEU A 181 21.24 4.13 -5.23
CA LEU A 181 22.00 4.25 -4.00
C LEU A 181 23.47 4.50 -4.30
N GLU A 182 23.83 4.55 -5.58
CA GLU A 182 25.11 5.11 -5.98
C GLU A 182 25.05 6.60 -6.17
N GLY A 183 23.89 7.23 -5.99
CA GLY A 183 23.80 8.65 -6.13
C GLY A 183 23.58 9.17 -7.55
N ASN A 184 23.36 8.30 -8.51
CA ASN A 184 23.09 8.71 -9.88
C ASN A 184 21.60 8.91 -10.09
N PHE A 185 21.21 10.09 -10.56
CA PHE A 185 19.79 10.31 -10.86
C PHE A 185 19.26 9.31 -11.88
N TYR A 186 18.02 8.92 -11.67
CA TYR A 186 17.18 8.44 -12.74
C TYR A 186 16.72 9.67 -13.51
N GLY A 187 17.03 9.72 -14.80
CA GLY A 187 16.55 10.78 -15.63
C GLY A 187 17.50 11.97 -15.72
N PRO A 188 17.08 12.95 -16.46
CA PRO A 188 17.94 14.10 -16.74
C PRO A 188 17.86 15.21 -15.71
N PHE A 189 17.74 14.89 -14.42
CA PHE A 189 17.49 15.87 -13.40
C PHE A 189 18.76 16.11 -12.59
N VAL A 190 18.69 17.20 -11.84
CA VAL A 190 19.83 17.72 -11.10
C VAL A 190 19.35 18.15 -9.73
N ASP A 191 20.15 17.88 -8.70
CA ASP A 191 19.82 18.30 -7.34
C ASP A 191 20.19 19.77 -7.12
N ARG A 192 19.43 20.64 -7.81
CA ARG A 192 19.46 22.08 -7.61
C ARG A 192 18.03 22.62 -7.64
N GLN A 193 17.78 23.65 -6.82
CA GLN A 193 16.44 24.22 -6.69
C GLN A 193 16.16 25.09 -7.91
N THR A 194 15.74 24.43 -8.99
CA THR A 194 15.36 25.06 -10.26
C THR A 194 14.20 24.27 -10.84
N ALA A 195 13.36 24.92 -11.64
CA ALA A 195 12.20 24.24 -12.22
C ALA A 195 12.65 23.31 -13.34
N GLN A 196 12.32 22.03 -13.21
CA GLN A 196 12.79 21.01 -14.14
C GLN A 196 11.61 20.21 -14.64
N ALA A 197 11.49 20.14 -15.94
CA ALA A 197 10.50 19.31 -16.61
C ALA A 197 11.12 18.01 -17.06
N ALA A 198 10.28 16.97 -17.12
CA ALA A 198 10.71 15.66 -17.57
C ALA A 198 10.43 15.51 -19.06
N GLY A 199 10.98 14.47 -19.64
CA GLY A 199 10.63 14.16 -21.01
C GLY A 199 9.21 13.62 -21.06
N THR A 200 8.70 13.51 -22.29
CA THR A 200 7.35 13.04 -22.46
C THR A 200 7.20 11.64 -21.91
N ASP A 201 6.23 11.48 -21.03
CA ASP A 201 6.05 10.15 -20.50
C ASP A 201 5.28 9.28 -21.49
N THR A 202 5.42 8.00 -21.30
CA THR A 202 4.77 6.99 -22.11
C THR A 202 4.23 5.94 -21.15
N THR A 203 3.31 5.13 -21.65
CA THR A 203 2.70 4.09 -20.83
C THR A 203 3.48 2.78 -20.96
N ILE A 204 3.62 2.05 -19.85
CA ILE A 204 4.43 0.82 -19.80
C ILE A 204 3.55 -0.32 -20.31
N THR A 205 3.73 -0.67 -21.59
CA THR A 205 2.77 -1.53 -22.29
C THR A 205 2.77 -2.94 -21.72
N VAL A 206 3.94 -3.51 -21.49
CA VAL A 206 4.01 -4.86 -20.95
C VAL A 206 3.28 -4.93 -19.62
N ASN A 207 3.32 -3.85 -18.84
CA ASN A 207 2.61 -3.82 -17.56
C ASN A 207 1.10 -3.75 -17.76
N VAL A 208 0.64 -2.92 -18.71
CA VAL A 208 -0.80 -2.87 -19.00
C VAL A 208 -1.28 -4.26 -19.39
N LEU A 209 -0.49 -4.97 -20.18
CA LEU A 209 -0.88 -6.32 -20.59
C LEU A 209 -0.95 -7.25 -19.39
N ALA A 210 0.03 -7.18 -18.49
CA ALA A 210 -0.03 -7.98 -17.26
C ALA A 210 -1.32 -7.70 -16.49
N TRP A 211 -1.70 -6.44 -16.40
CA TRP A 211 -2.88 -6.08 -15.64
C TRP A 211 -4.17 -6.51 -16.34
N LEU A 212 -4.21 -6.50 -17.67
CA LEU A 212 -5.37 -7.06 -18.36
C LEU A 212 -5.51 -8.55 -18.05
N TYR A 213 -4.41 -9.29 -18.07
CA TYR A 213 -4.46 -10.70 -17.71
C TYR A 213 -4.98 -10.88 -16.30
N ALA A 214 -4.54 -10.04 -15.37
CA ALA A 214 -5.07 -10.09 -14.03
C ALA A 214 -6.58 -9.85 -14.02
N ALA A 215 -7.06 -8.90 -14.82
CA ALA A 215 -8.49 -8.66 -14.82
C ALA A 215 -9.24 -9.88 -15.32
N VAL A 216 -8.62 -10.62 -16.25
CA VAL A 216 -9.20 -11.87 -16.71
C VAL A 216 -9.24 -12.88 -15.57
N ILE A 217 -8.09 -13.13 -14.95
CA ILE A 217 -8.01 -14.11 -13.86
C ILE A 217 -9.08 -13.83 -12.80
N ASN A 218 -9.39 -12.57 -12.56
CA ASN A 218 -10.48 -12.21 -11.67
C ASN A 218 -11.80 -12.07 -12.42
N GLY A 219 -12.00 -12.93 -13.43
CA GLY A 219 -13.28 -13.06 -14.10
C GLY A 219 -13.83 -11.77 -14.66
N ASP A 220 -12.99 -10.94 -15.27
CA ASP A 220 -13.45 -9.74 -15.95
C ASP A 220 -12.86 -9.78 -17.35
N ARG A 221 -13.74 -9.82 -18.38
CA ARG A 221 -13.24 -9.97 -19.75
C ARG A 221 -14.12 -9.30 -20.79
N TRP A 222 -14.87 -8.26 -20.42
CA TRP A 222 -15.59 -7.50 -21.42
C TRP A 222 -14.69 -6.95 -22.51
N PHE A 223 -13.40 -6.78 -22.22
CA PHE A 223 -12.45 -6.15 -23.14
C PHE A 223 -11.85 -7.14 -24.15
N LEU A 224 -11.90 -8.45 -23.89
CA LEU A 224 -11.34 -9.44 -24.80
C LEU A 224 -12.03 -9.42 -26.17
N ASN A 225 -11.37 -10.02 -27.17
CA ASN A 225 -11.96 -10.06 -28.49
C ASN A 225 -11.39 -11.22 -29.28
N ARG A 226 -12.03 -11.48 -30.43
CA ARG A 226 -11.60 -12.53 -31.35
C ARG A 226 -10.49 -12.06 -32.28
N PHE A 227 -10.37 -10.76 -32.51
CA PHE A 227 -9.34 -10.19 -33.36
C PHE A 227 -7.94 -10.63 -32.92
N THR A 228 -6.95 -10.42 -33.78
CA THR A 228 -5.56 -10.70 -33.43
C THR A 228 -4.68 -9.74 -34.22
N THR A 229 -3.39 -9.73 -33.87
CA THR A 229 -2.48 -8.72 -34.39
C THR A 229 -1.09 -9.31 -34.46
N THR A 230 -0.30 -8.78 -35.37
CA THR A 230 1.13 -9.02 -35.33
C THR A 230 1.77 -8.11 -34.31
N LEU A 231 2.97 -8.51 -33.88
CA LEU A 231 3.70 -7.71 -32.90
C LEU A 231 3.99 -6.32 -33.47
N ASN A 232 4.46 -6.26 -34.73
CA ASN A 232 4.83 -4.97 -35.29
C ASN A 232 3.62 -4.07 -35.47
N ASP A 233 2.50 -4.61 -35.93
CA ASP A 233 1.33 -3.78 -36.10
C ASP A 233 0.80 -3.30 -34.76
N PHE A 234 0.92 -4.12 -33.73
CA PHE A 234 0.55 -3.64 -32.41
C PHE A 234 1.41 -2.46 -32.01
N ASN A 235 2.74 -2.60 -32.19
CA ASN A 235 3.68 -1.60 -31.78
C ASN A 235 3.48 -0.32 -32.58
N LEU A 236 3.03 -0.43 -33.84
CA LEU A 236 2.74 0.80 -34.58
C LEU A 236 1.66 1.60 -33.86
N VAL A 237 0.63 0.91 -33.44
CA VAL A 237 -0.50 1.57 -32.78
C VAL A 237 -0.11 1.99 -31.39
N ALA A 238 0.62 1.14 -30.67
CA ALA A 238 1.11 1.52 -29.36
C ALA A 238 1.86 2.85 -29.41
N MET A 239 2.85 2.96 -30.29
CA MET A 239 3.66 4.16 -30.32
C MET A 239 2.82 5.38 -30.65
N LYS A 240 1.83 5.19 -31.52
CA LYS A 240 0.95 6.32 -31.86
C LYS A 240 0.28 6.89 -30.62
N TYR A 241 -0.04 6.05 -29.64
CA TYR A 241 -0.75 6.44 -28.44
C TYR A 241 0.18 6.68 -27.25
N ASN A 242 1.48 6.85 -27.51
CA ASN A 242 2.50 7.06 -26.47
C ASN A 242 2.53 5.90 -25.48
N TYR A 243 2.40 4.68 -26.01
CA TYR A 243 2.71 3.43 -25.31
C TYR A 243 4.09 2.95 -25.74
N GLU A 244 4.84 2.35 -24.80
CA GLU A 244 6.16 1.84 -25.11
C GLU A 244 6.04 0.67 -26.08
N PRO A 245 7.01 0.47 -26.95
CA PRO A 245 6.97 -0.72 -27.78
C PRO A 245 7.10 -1.95 -26.89
N LEU A 246 6.51 -3.03 -27.36
CA LEU A 246 6.56 -4.33 -26.70
C LEU A 246 7.64 -5.14 -27.42
N THR A 247 8.62 -5.66 -26.67
CA THR A 247 9.69 -6.47 -27.23
C THR A 247 9.33 -7.95 -27.18
N GLN A 248 10.10 -8.76 -27.91
CA GLN A 248 9.92 -10.20 -27.80
C GLN A 248 10.19 -10.68 -26.38
N ASP A 249 11.22 -10.13 -25.73
CA ASP A 249 11.43 -10.52 -24.33
C ASP A 249 10.19 -10.18 -23.49
N HIS A 250 9.56 -9.03 -23.72
CA HIS A 250 8.30 -8.76 -23.04
C HIS A 250 7.26 -9.83 -23.33
N VAL A 251 7.17 -10.28 -24.59
CA VAL A 251 6.19 -11.30 -24.92
C VAL A 251 6.52 -12.57 -24.17
N ASP A 252 7.80 -12.91 -24.12
CA ASP A 252 8.25 -14.10 -23.41
C ASP A 252 7.83 -14.03 -21.95
N ILE A 253 8.10 -12.89 -21.31
CA ILE A 253 7.79 -12.69 -19.90
C ILE A 253 6.33 -12.89 -19.61
N LEU A 254 5.46 -12.58 -20.56
CA LEU A 254 4.04 -12.70 -20.35
C LEU A 254 3.53 -14.12 -20.53
N GLY A 255 4.40 -15.05 -20.93
CA GLY A 255 3.99 -16.41 -21.19
C GLY A 255 3.12 -16.96 -20.07
N PRO A 256 3.70 -17.07 -18.88
CA PRO A 256 2.97 -17.65 -17.74
C PRO A 256 1.54 -17.14 -17.63
N LEU A 257 1.35 -15.82 -17.66
CA LEU A 257 0.00 -15.28 -17.67
C LEU A 257 -0.76 -15.71 -18.91
N SER A 258 -0.05 -15.88 -20.03
CA SER A 258 -0.70 -16.37 -21.24
C SER A 258 -1.21 -17.79 -21.03
N ALA A 259 -0.29 -18.71 -20.74
CA ALA A 259 -0.64 -20.09 -20.46
C ALA A 259 -1.76 -20.18 -19.44
N GLN A 260 -1.62 -19.45 -18.32
CA GLN A 260 -2.59 -19.56 -17.25
C GLN A 260 -4.01 -19.35 -17.75
N THR A 261 -4.24 -18.30 -18.54
CA THR A 261 -5.57 -17.94 -19.00
C THR A 261 -5.90 -18.51 -20.37
N GLY A 262 -4.94 -19.14 -21.04
CA GLY A 262 -5.16 -19.58 -22.41
C GLY A 262 -5.39 -18.44 -23.40
N ILE A 263 -4.75 -17.29 -23.17
CA ILE A 263 -4.87 -16.16 -24.06
C ILE A 263 -3.48 -15.87 -24.61
N ALA A 264 -3.35 -15.94 -25.93
CA ALA A 264 -2.06 -15.65 -26.53
C ALA A 264 -1.72 -14.20 -26.27
N VAL A 265 -0.44 -13.93 -26.05
CA VAL A 265 0.00 -12.57 -25.82
C VAL A 265 -0.54 -11.66 -26.92
N LEU A 266 -0.39 -12.08 -28.17
CA LEU A 266 -0.80 -11.18 -29.24
C LEU A 266 -2.32 -11.04 -29.34
N ASP A 267 -3.08 -12.02 -28.83
CA ASP A 267 -4.51 -11.81 -28.68
C ASP A 267 -4.79 -10.71 -27.66
N MET A 268 -4.06 -10.71 -26.54
CA MET A 268 -4.26 -9.64 -25.57
C MET A 268 -3.82 -8.29 -26.13
N CYS A 269 -2.79 -8.29 -26.99
CA CYS A 269 -2.40 -7.05 -27.67
C CYS A 269 -3.53 -6.53 -28.53
N ALA A 270 -4.27 -7.44 -29.19
CA ALA A 270 -5.41 -7.02 -29.99
C ALA A 270 -6.50 -6.41 -29.10
N SER A 271 -6.74 -7.00 -27.93
CA SER A 271 -7.69 -6.41 -26.99
C SER A 271 -7.24 -5.02 -26.57
N LEU A 272 -5.97 -4.88 -26.17
CA LEU A 272 -5.48 -3.57 -25.79
C LEU A 272 -5.54 -2.58 -26.95
N LYS A 273 -5.26 -3.04 -28.18
CA LYS A 273 -5.36 -2.10 -29.29
C LYS A 273 -6.79 -1.56 -29.42
N GLU A 274 -7.78 -2.43 -29.23
CA GLU A 274 -9.18 -1.99 -29.35
C GLU A 274 -9.52 -0.97 -28.28
N LEU A 275 -9.02 -1.19 -27.06
CA LEU A 275 -9.23 -0.25 -25.96
C LEU A 275 -8.57 1.09 -26.22
N LEU A 276 -7.33 1.09 -26.72
CA LEU A 276 -6.70 2.35 -27.09
C LEU A 276 -7.55 3.10 -28.10
N GLN A 277 -8.05 2.41 -29.13
CA GLN A 277 -8.69 3.10 -30.24
C GLN A 277 -10.11 3.53 -29.89
N ASN A 278 -10.86 2.67 -29.22
CA ASN A 278 -12.26 2.93 -28.88
C ASN A 278 -12.38 3.65 -27.55
N GLY A 279 -11.73 3.12 -26.53
CA GLY A 279 -11.88 3.56 -25.18
C GLY A 279 -12.61 2.50 -24.37
N MET A 280 -12.91 2.87 -23.14
CA MET A 280 -13.63 1.97 -22.23
C MET A 280 -15.13 2.21 -22.29
N ASN A 281 -15.58 3.21 -23.07
CA ASN A 281 -17.00 3.44 -23.30
C ASN A 281 -17.78 3.53 -21.99
N GLY A 282 -17.11 4.02 -20.94
CA GLY A 282 -17.72 4.13 -19.63
C GLY A 282 -17.37 2.97 -18.71
N ARG A 283 -17.29 1.76 -19.24
CA ARG A 283 -17.01 0.58 -18.42
C ARG A 283 -15.72 0.79 -17.64
N THR A 284 -15.39 -0.16 -16.76
CA THR A 284 -14.17 -0.06 -15.99
C THR A 284 -13.59 -1.46 -15.84
N ILE A 285 -12.30 -1.50 -15.52
CA ILE A 285 -11.56 -2.74 -15.37
C ILE A 285 -10.91 -2.72 -14.00
N LEU A 286 -11.07 -3.82 -13.26
CA LEU A 286 -10.59 -3.92 -11.89
C LEU A 286 -10.84 -2.64 -11.08
N GLY A 287 -11.94 -1.96 -11.37
CA GLY A 287 -12.33 -0.76 -10.67
C GLY A 287 -11.99 0.53 -11.38
N SER A 288 -11.05 0.49 -12.33
CA SER A 288 -10.40 1.68 -12.82
C SER A 288 -11.04 2.18 -14.11
N ALA A 289 -11.30 3.48 -14.18
CA ALA A 289 -11.66 4.11 -15.44
C ALA A 289 -10.48 4.21 -16.40
N LEU A 290 -9.31 3.72 -16.01
CA LEU A 290 -8.08 4.02 -16.71
C LEU A 290 -7.23 2.75 -16.76
N LEU A 291 -6.45 2.62 -17.82
CA LEU A 291 -5.60 1.45 -17.95
C LEU A 291 -4.40 1.61 -17.02
N GLU A 292 -4.14 0.57 -16.24
CA GLU A 292 -3.13 0.60 -15.19
C GLU A 292 -1.80 0.04 -15.69
N ASP A 293 -0.70 0.78 -15.46
CA ASP A 293 0.59 0.31 -15.99
C ASP A 293 1.70 0.21 -14.95
N GLU A 294 1.36 0.15 -13.66
CA GLU A 294 2.37 -0.04 -12.63
C GLU A 294 2.26 -1.39 -11.91
N PHE A 295 1.84 -2.45 -12.63
CA PHE A 295 2.07 -3.85 -12.27
C PHE A 295 2.94 -4.54 -13.33
N THR A 296 4.06 -5.08 -12.93
CA THR A 296 4.86 -5.90 -13.83
C THR A 296 4.21 -7.26 -13.98
N PRO A 297 4.63 -8.04 -14.98
CA PRO A 297 4.22 -9.46 -15.00
C PRO A 297 4.58 -10.20 -13.71
N PHE A 298 5.80 -10.03 -13.21
CA PHE A 298 6.18 -10.65 -11.95
C PHE A 298 5.18 -10.30 -10.83
N ASP A 299 4.83 -9.03 -10.72
CA ASP A 299 3.90 -8.56 -9.70
C ASP A 299 2.59 -9.30 -9.79
N VAL A 300 2.01 -9.39 -10.98
CA VAL A 300 0.73 -10.08 -11.15
C VAL A 300 0.89 -11.54 -10.79
N VAL A 301 1.97 -12.17 -11.24
CA VAL A 301 2.16 -13.60 -10.98
C VAL A 301 2.38 -13.84 -9.49
N ARG A 302 3.43 -13.24 -8.93
CA ARG A 302 3.74 -13.44 -7.51
C ARG A 302 2.52 -13.26 -6.63
N GLN A 303 1.52 -12.50 -7.09
CA GLN A 303 0.26 -12.33 -6.39
C GLN A 303 -0.81 -13.29 -6.88
N CYS A 304 -0.44 -14.26 -7.70
CA CYS A 304 -1.23 -15.46 -7.93
C CYS A 304 -0.38 -16.70 -7.63
N SER A 305 0.55 -16.55 -6.68
CA SER A 305 1.52 -17.57 -6.27
C SER A 305 1.65 -17.61 -4.76
N GLY A 306 1.98 -16.47 -4.14
CA GLY A 306 1.96 -16.34 -2.70
C GLY A 306 3.31 -16.11 -2.05
N VAL A 307 4.24 -15.50 -2.78
CA VAL A 307 5.59 -15.28 -2.26
C VAL A 307 5.53 -14.49 -0.96
N SER B 5 -6.21 14.16 -8.41
CA SER B 5 -5.20 13.10 -8.68
C SER B 5 -3.98 13.39 -7.83
N GLY B 6 -3.06 12.45 -7.80
CA GLY B 6 -1.94 12.54 -6.90
C GLY B 6 -2.18 11.91 -5.55
N PHE B 7 -3.26 11.14 -5.40
CA PHE B 7 -3.51 10.35 -4.20
C PHE B 7 -3.20 8.89 -4.45
N ARG B 8 -2.61 8.25 -3.44
CA ARG B 8 -2.21 6.85 -3.48
C ARG B 8 -2.84 6.14 -2.29
N LYS B 9 -3.33 4.92 -2.51
CA LYS B 9 -3.51 4.04 -1.37
C LYS B 9 -2.14 3.81 -0.74
N MET B 10 -2.00 4.22 0.51
CA MET B 10 -0.75 4.11 1.25
C MET B 10 -0.98 3.26 2.50
N ALA B 11 -0.15 2.25 2.70
CA ALA B 11 -0.30 1.44 3.88
C ALA B 11 0.60 1.97 5.00
N PHE B 12 0.32 1.53 6.22
CA PHE B 12 1.26 1.83 7.30
C PHE B 12 2.48 0.95 7.19
N PRO B 13 3.64 1.44 7.66
CA PRO B 13 4.82 0.57 7.72
C PRO B 13 4.45 -0.67 8.52
N SER B 14 4.87 -1.81 8.03
CA SER B 14 4.38 -3.08 8.55
C SER B 14 5.31 -3.71 9.58
N GLY B 15 6.42 -3.08 9.90
CA GLY B 15 7.44 -3.76 10.68
C GLY B 15 6.96 -4.19 12.05
N LYS B 16 6.19 -3.33 12.72
CA LYS B 16 5.75 -3.64 14.07
C LYS B 16 4.81 -4.83 14.05
N VAL B 17 4.11 -5.04 12.94
CA VAL B 17 3.22 -6.21 12.85
C VAL B 17 3.97 -7.45 12.36
N GLU B 18 4.96 -7.26 11.48
CA GLU B 18 5.76 -8.38 11.04
C GLU B 18 6.38 -9.06 12.25
N GLY B 19 6.76 -8.26 13.25
CA GLY B 19 7.40 -8.80 14.46
C GLY B 19 6.48 -9.57 15.37
N CYS B 20 5.21 -9.68 14.99
CA CYS B 20 4.19 -10.38 15.76
C CYS B 20 3.61 -11.58 15.03
N MET B 21 4.00 -11.82 13.78
CA MET B 21 3.36 -12.90 13.03
C MET B 21 4.04 -14.23 13.36
N VAL B 22 3.21 -15.25 13.57
CA VAL B 22 3.66 -16.64 13.75
C VAL B 22 2.77 -17.54 12.92
N GLN B 23 3.12 -18.83 12.85
CA GLN B 23 2.23 -19.81 12.26
C GLN B 23 1.67 -20.72 13.33
N VAL B 24 0.46 -21.23 13.08
CA VAL B 24 -0.24 -22.10 14.00
C VAL B 24 -0.74 -23.28 13.18
N THR B 25 -0.40 -24.48 13.60
CA THR B 25 -0.75 -25.68 12.88
C THR B 25 -1.42 -26.66 13.83
N CYS B 26 -2.47 -27.27 13.30
CA CYS B 26 -3.18 -28.38 13.96
C CYS B 26 -3.23 -29.48 12.89
N GLY B 27 -2.49 -30.56 13.08
CA GLY B 27 -2.37 -31.61 12.09
C GLY B 27 -1.66 -31.13 10.83
N THR B 28 -2.42 -30.97 9.74
CA THR B 28 -1.86 -30.44 8.50
C THR B 28 -2.42 -29.06 8.16
N THR B 29 -3.35 -28.55 8.97
CA THR B 29 -3.98 -27.25 8.75
C THR B 29 -3.10 -26.18 9.38
N THR B 30 -2.52 -25.32 8.57
CA THR B 30 -1.64 -24.26 9.05
C THR B 30 -2.23 -22.92 8.66
N LEU B 31 -2.26 -22.00 9.60
CA LEU B 31 -2.61 -20.62 9.25
C LEU B 31 -1.74 -19.73 10.11
N ASN B 32 -1.99 -18.44 10.04
CA ASN B 32 -1.17 -17.47 10.75
C ASN B 32 -1.80 -17.09 12.08
N GLY B 33 -0.95 -16.68 13.01
CA GLY B 33 -1.38 -16.18 14.29
C GLY B 33 -0.62 -14.91 14.64
N LEU B 34 -1.15 -14.19 15.63
CA LEU B 34 -0.63 -12.92 16.08
C LEU B 34 -0.16 -13.09 17.51
N TRP B 35 1.13 -12.87 17.72
CA TRP B 35 1.81 -13.13 19.00
C TRP B 35 2.05 -11.81 19.71
N LEU B 36 1.33 -11.57 20.81
CA LEU B 36 1.45 -10.33 21.56
C LEU B 36 1.59 -10.69 23.02
N ASP B 37 2.61 -10.17 23.67
CA ASP B 37 2.95 -10.64 25.02
C ASP B 37 3.00 -12.16 24.97
N ASP B 38 2.37 -12.87 25.92
CA ASP B 38 2.44 -14.33 25.94
C ASP B 38 1.16 -14.99 25.44
N VAL B 39 0.49 -14.37 24.47
CA VAL B 39 -0.69 -14.96 23.88
C VAL B 39 -0.54 -14.93 22.36
N VAL B 40 -0.98 -16.01 21.72
CA VAL B 40 -1.11 -16.08 20.27
C VAL B 40 -2.58 -16.15 19.91
N TYR B 41 -3.00 -15.23 19.05
CA TYR B 41 -4.38 -15.15 18.58
C TYR B 41 -4.49 -15.68 17.16
N CYS B 42 -5.49 -16.52 16.88
CA CYS B 42 -5.62 -17.04 15.53
C CYS B 42 -7.06 -17.48 15.29
N PRO B 43 -7.45 -17.68 14.01
CA PRO B 43 -8.82 -18.18 13.73
C PRO B 43 -9.04 -19.54 14.33
N ARG B 44 -10.19 -19.70 14.98
CA ARG B 44 -10.48 -20.99 15.58
C ARG B 44 -10.63 -22.10 14.56
N HIS B 45 -10.89 -21.80 13.29
CA HIS B 45 -11.02 -22.93 12.38
C HIS B 45 -9.70 -23.67 12.10
N VAL B 46 -8.58 -23.26 12.70
CA VAL B 46 -7.39 -24.07 12.59
C VAL B 46 -7.62 -25.46 13.18
N ILE B 47 -8.58 -25.60 14.11
CA ILE B 47 -8.80 -26.90 14.73
C ILE B 47 -9.65 -27.83 13.88
N CYS B 48 -10.02 -27.34 12.72
CA CYS B 48 -10.95 -28.13 11.90
C CYS B 48 -10.27 -28.89 10.76
N THR B 49 -10.58 -30.17 10.62
CA THR B 49 -10.29 -30.85 9.38
C THR B 49 -11.26 -30.34 8.31
N SER B 50 -11.04 -30.73 7.06
CA SER B 50 -11.98 -30.35 6.01
C SER B 50 -13.40 -30.84 6.31
N GLU B 51 -13.54 -32.04 6.88
CA GLU B 51 -14.86 -32.56 7.19
C GLU B 51 -15.56 -31.72 8.25
N ASP B 52 -14.76 -31.18 9.16
CA ASP B 52 -15.30 -30.28 10.15
C ASP B 52 -15.66 -28.93 9.53
N MET B 53 -14.84 -28.44 8.59
CA MET B 53 -15.10 -27.13 7.98
C MET B 53 -16.50 -27.11 7.35
N LEU B 54 -16.89 -28.21 6.72
CA LEU B 54 -18.21 -28.26 6.09
C LEU B 54 -19.33 -27.90 7.07
N ASN B 55 -19.21 -28.23 8.36
CA ASN B 55 -20.26 -27.91 9.33
C ASN B 55 -19.77 -28.09 10.77
N PRO B 56 -18.79 -27.29 11.22
CA PRO B 56 -18.04 -27.65 12.41
C PRO B 56 -18.82 -27.42 13.68
N ASN B 57 -18.54 -28.26 14.67
CA ASN B 57 -18.98 -28.04 16.05
C ASN B 57 -17.73 -27.65 16.83
N TYR B 58 -17.54 -26.34 17.02
CA TYR B 58 -16.26 -25.84 17.53
C TYR B 58 -16.03 -26.25 18.98
N GLU B 59 -17.05 -26.09 19.82
CA GLU B 59 -16.90 -26.43 21.22
C GLU B 59 -16.54 -27.91 21.38
N ASP B 60 -17.16 -28.80 20.60
CA ASP B 60 -16.76 -30.21 20.68
C ASP B 60 -15.35 -30.41 20.15
N LEU B 61 -15.05 -29.81 19.00
CA LEU B 61 -13.70 -29.94 18.45
C LEU B 61 -12.66 -29.44 19.46
N LEU B 62 -13.00 -28.42 20.23
CA LEU B 62 -12.01 -27.85 21.13
C LEU B 62 -11.79 -28.74 22.35
N ILE B 63 -12.85 -29.40 22.84
CA ILE B 63 -12.69 -30.22 24.03
C ILE B 63 -11.77 -31.40 23.74
N ARG B 64 -11.74 -31.87 22.50
CA ARG B 64 -10.84 -32.94 22.12
C ARG B 64 -9.39 -32.49 22.04
N LYS B 65 -9.13 -31.19 22.06
CA LYS B 65 -7.79 -30.65 21.86
C LYS B 65 -7.10 -30.41 23.19
N SER B 66 -5.79 -30.65 23.19
CA SER B 66 -4.93 -30.30 24.30
C SER B 66 -3.87 -29.31 23.84
N ASN B 67 -3.18 -28.72 24.81
CA ASN B 67 -2.12 -27.78 24.48
C ASN B 67 -1.11 -28.42 23.53
N HIS B 68 -0.77 -29.69 23.79
CA HIS B 68 0.26 -30.32 22.98
C HIS B 68 -0.22 -30.71 21.58
N ASN B 69 -1.44 -30.38 21.18
CA ASN B 69 -1.86 -30.60 19.79
C ASN B 69 -1.63 -29.37 18.92
N PHE B 70 -1.19 -28.25 19.50
CA PHE B 70 -1.03 -27.02 18.75
C PHE B 70 0.45 -26.79 18.51
N LEU B 71 0.82 -26.62 17.26
CA LEU B 71 2.20 -26.32 16.88
C LEU B 71 2.24 -24.85 16.52
N VAL B 72 2.91 -24.08 17.35
CA VAL B 72 3.09 -22.64 17.11
C VAL B 72 4.55 -22.39 16.82
N GLN B 73 4.83 -21.67 15.75
CA GLN B 73 6.21 -21.46 15.34
C GLN B 73 6.40 -20.02 14.93
N ALA B 74 7.48 -19.43 15.42
CA ALA B 74 7.99 -18.16 14.91
C ALA B 74 9.16 -18.52 14.00
N GLY B 75 8.96 -18.36 12.71
CA GLY B 75 9.92 -18.94 11.78
C GLY B 75 9.85 -20.44 11.94
N ASN B 76 11.02 -21.06 12.11
CA ASN B 76 11.06 -22.50 12.38
C ASN B 76 11.21 -22.83 13.86
N VAL B 77 11.14 -21.84 14.74
CA VAL B 77 11.39 -22.03 16.16
C VAL B 77 10.05 -22.25 16.85
N GLN B 78 9.92 -23.37 17.55
CA GLN B 78 8.68 -23.68 18.23
C GLN B 78 8.50 -22.86 19.48
N LEU B 79 7.26 -22.39 19.67
CA LEU B 79 6.78 -21.67 20.82
C LEU B 79 5.80 -22.56 21.59
N ARG B 80 6.16 -22.93 22.81
CA ARG B 80 5.37 -23.95 23.51
C ARG B 80 4.07 -23.36 24.02
N VAL B 81 2.98 -24.07 23.77
CA VAL B 81 1.64 -23.67 24.17
C VAL B 81 1.37 -24.20 25.59
N ILE B 82 0.93 -23.34 26.49
CA ILE B 82 0.68 -23.72 27.88
C ILE B 82 -0.76 -23.46 28.32
N GLY B 83 -1.64 -23.06 27.42
CA GLY B 83 -3.02 -22.79 27.75
C GLY B 83 -3.79 -22.54 26.47
N HIS B 84 -5.08 -22.83 26.41
CA HIS B 84 -5.85 -22.52 25.21
C HIS B 84 -7.28 -22.18 25.62
N SER B 85 -7.87 -21.24 24.91
CA SER B 85 -9.28 -20.89 25.12
C SER B 85 -9.83 -20.32 23.82
N MET B 86 -11.17 -20.31 23.73
CA MET B 86 -11.88 -19.76 22.58
C MET B 86 -12.65 -18.53 23.01
N GLN B 87 -12.47 -17.42 22.27
CA GLN B 87 -13.27 -16.20 22.42
C GLN B 87 -13.94 -15.97 21.08
N ASN B 88 -15.27 -16.18 21.02
CA ASN B 88 -15.98 -16.01 19.77
C ASN B 88 -15.31 -16.85 18.69
N CYS B 89 -14.86 -16.28 17.57
CA CYS B 89 -14.30 -17.08 16.51
C CYS B 89 -12.76 -17.08 16.51
N VAL B 90 -12.12 -16.65 17.59
CA VAL B 90 -10.67 -16.69 17.68
CA VAL B 90 -10.68 -16.61 17.74
C VAL B 90 -10.25 -17.59 18.83
N LEU B 91 -9.12 -18.23 18.61
CA LEU B 91 -8.45 -19.07 19.59
C LEU B 91 -7.36 -18.23 20.21
N LYS B 92 -7.23 -18.35 21.52
CA LYS B 92 -6.16 -17.72 22.25
C LYS B 92 -5.27 -18.81 22.82
N LEU B 93 -4.01 -18.80 22.41
CA LEU B 93 -3.06 -19.82 22.85
C LEU B 93 -2.09 -19.12 23.77
N LYS B 94 -2.10 -19.49 25.05
CA LYS B 94 -1.08 -18.97 25.95
C LYS B 94 0.21 -19.71 25.66
N VAL B 95 1.33 -18.97 25.58
CA VAL B 95 2.62 -19.53 25.22
C VAL B 95 3.60 -19.17 26.33
N ASP B 96 4.72 -19.89 26.40
CA ASP B 96 5.59 -19.75 27.55
C ASP B 96 6.64 -18.66 27.35
N THR B 97 6.55 -17.90 26.27
CA THR B 97 7.49 -16.81 25.98
C THR B 97 6.71 -15.55 25.63
N ALA B 98 7.04 -14.44 26.28
CA ALA B 98 6.46 -13.16 25.89
C ALA B 98 7.20 -12.63 24.67
N ASN B 99 6.45 -12.20 23.66
CA ASN B 99 7.08 -11.74 22.42
C ASN B 99 7.88 -10.48 22.69
N PRO B 100 9.22 -10.53 22.57
CA PRO B 100 10.04 -9.34 22.83
C PRO B 100 9.82 -8.23 21.83
N LYS B 101 9.21 -8.52 20.68
CA LYS B 101 8.89 -7.48 19.72
C LYS B 101 7.47 -6.97 19.85
N THR B 102 6.76 -7.32 20.94
CA THR B 102 5.41 -6.78 21.14
C THR B 102 5.44 -5.25 21.09
N PRO B 103 4.64 -4.63 20.24
CA PRO B 103 4.57 -3.17 20.23
C PRO B 103 3.57 -2.69 21.26
N LYS B 104 3.53 -1.36 21.47
CA LYS B 104 2.36 -0.81 22.12
C LYS B 104 1.18 -1.14 21.22
N TYR B 105 0.09 -1.66 21.79
CA TYR B 105 -1.03 -2.06 20.95
C TYR B 105 -2.37 -1.93 21.65
N LYS B 106 -3.40 -1.93 20.82
CA LYS B 106 -4.75 -2.16 21.30
C LYS B 106 -5.53 -2.90 20.24
N PHE B 107 -6.69 -3.38 20.68
CA PHE B 107 -7.68 -4.04 19.83
C PHE B 107 -8.85 -3.11 19.63
N VAL B 108 -9.11 -2.73 18.39
CA VAL B 108 -10.22 -1.84 18.09
C VAL B 108 -11.16 -2.51 17.10
N ARG B 109 -12.43 -2.23 17.24
CA ARG B 109 -13.42 -2.65 16.25
C ARG B 109 -13.77 -1.45 15.38
N ILE B 110 -13.45 -1.54 14.09
CA ILE B 110 -13.63 -0.38 13.22
C ILE B 110 -15.06 -0.37 12.71
N GLN B 111 -15.47 0.75 12.08
CA GLN B 111 -16.74 0.93 11.41
C GLN B 111 -16.60 0.77 9.91
N PRO B 112 -17.66 0.36 9.22
CA PRO B 112 -17.63 0.37 7.75
C PRO B 112 -17.15 1.71 7.24
N GLY B 113 -16.38 1.67 6.15
CA GLY B 113 -15.79 2.86 5.59
C GLY B 113 -14.40 3.16 6.11
N GLN B 114 -14.06 2.70 7.30
CA GLN B 114 -12.71 2.94 7.77
C GLN B 114 -11.73 2.09 6.98
N THR B 115 -10.51 2.58 6.87
CA THR B 115 -9.46 1.92 6.14
C THR B 115 -8.48 1.36 7.13
N PHE B 116 -7.73 0.38 6.67
CA PHE B 116 -6.66 -0.20 7.46
C PHE B 116 -5.69 -0.89 6.53
N SER B 117 -4.51 -1.16 7.04
CA SER B 117 -3.51 -1.90 6.29
C SER B 117 -3.63 -3.36 6.61
N VAL B 118 -3.47 -4.19 5.59
CA VAL B 118 -3.43 -5.64 5.76
C VAL B 118 -2.02 -6.11 5.46
N LEU B 119 -1.46 -6.94 6.36
CA LEU B 119 -0.19 -7.59 6.12
C LEU B 119 -0.50 -9.03 5.72
N ALA B 120 -0.55 -9.29 4.42
CA ALA B 120 -0.89 -10.63 3.93
C ALA B 120 0.26 -11.58 4.25
N CYS B 121 -0.05 -12.70 4.92
CA CYS B 121 0.96 -13.61 5.43
C CYS B 121 0.63 -15.03 5.01
N TYR B 122 1.68 -15.84 4.85
CA TYR B 122 1.55 -17.27 4.56
C TYR B 122 2.59 -18.00 5.39
N ASN B 123 2.16 -19.04 6.10
CA ASN B 123 3.04 -19.83 6.97
C ASN B 123 3.85 -18.93 7.89
N GLY B 124 3.21 -17.88 8.38
CA GLY B 124 3.82 -17.00 9.33
C GLY B 124 4.74 -15.97 8.72
N SER B 125 4.86 -15.96 7.39
CA SER B 125 5.80 -15.11 6.67
C SER B 125 5.04 -14.02 5.93
N PRO B 126 5.38 -12.76 6.14
CA PRO B 126 4.70 -11.70 5.39
C PRO B 126 5.03 -11.75 3.91
N SER B 127 4.01 -11.57 3.07
CA SER B 127 4.20 -11.46 1.63
C SER B 127 4.07 -10.03 1.13
N GLY B 128 3.23 -9.21 1.73
CA GLY B 128 2.93 -7.89 1.16
C GLY B 128 1.97 -7.14 2.06
N VAL B 129 1.94 -5.83 1.86
CA VAL B 129 1.07 -4.96 2.66
C VAL B 129 0.30 -4.03 1.74
N TYR B 130 -0.97 -3.81 2.08
CA TYR B 130 -1.81 -2.96 1.23
C TYR B 130 -2.95 -2.44 2.07
N GLN B 131 -3.53 -1.34 1.61
CA GLN B 131 -4.63 -0.69 2.28
C GLN B 131 -5.96 -1.27 1.80
N CYS B 132 -6.89 -1.46 2.75
CA CYS B 132 -8.24 -1.95 2.52
C CYS B 132 -9.23 -0.97 3.13
N ALA B 133 -10.42 -0.91 2.55
CA ALA B 133 -11.54 -0.24 3.18
C ALA B 133 -12.59 -1.27 3.56
N MET B 134 -13.13 -1.17 4.78
CA MET B 134 -14.26 -1.97 5.17
C MET B 134 -15.50 -1.44 4.44
N ARG B 135 -16.06 -2.26 3.55
CA ARG B 135 -17.24 -1.87 2.81
C ARG B 135 -18.45 -1.76 3.75
N PRO B 136 -19.50 -1.02 3.34
CA PRO B 136 -20.68 -0.91 4.18
C PRO B 136 -21.37 -2.24 4.44
N ASN B 137 -21.16 -3.25 3.58
CA ASN B 137 -21.69 -4.58 3.77
C ASN B 137 -20.74 -5.49 4.57
N PHE B 138 -19.71 -4.92 5.19
CA PHE B 138 -18.82 -5.63 6.12
C PHE B 138 -17.94 -6.67 5.41
N THR B 139 -17.61 -6.43 4.15
CA THR B 139 -16.61 -7.18 3.42
C THR B 139 -15.45 -6.25 3.10
N ILE B 140 -14.30 -6.85 2.75
CA ILE B 140 -13.18 -6.10 2.21
C ILE B 140 -12.75 -6.75 0.91
N LYS B 141 -12.12 -5.94 0.06
CA LYS B 141 -11.57 -6.38 -1.22
C LYS B 141 -10.06 -6.54 -1.08
N GLY B 142 -9.66 -7.71 -0.56
CA GLY B 142 -8.27 -8.01 -0.35
C GLY B 142 -7.68 -8.85 -1.48
N SER B 143 -6.48 -9.33 -1.22
CA SER B 143 -5.77 -10.28 -2.07
C SER B 143 -5.33 -11.35 -1.09
N PHE B 144 -6.16 -12.38 -0.96
CA PHE B 144 -5.98 -13.46 0.00
C PHE B 144 -6.03 -14.80 -0.73
N LEU B 145 -4.95 -15.55 -0.61
CA LEU B 145 -4.83 -16.90 -1.14
C LEU B 145 -4.98 -17.92 -0.01
N ASN B 146 -4.98 -19.20 -0.39
CA ASN B 146 -4.96 -20.27 0.59
C ASN B 146 -3.82 -20.07 1.58
N GLY B 147 -4.10 -20.28 2.85
CA GLY B 147 -3.09 -20.13 3.87
C GLY B 147 -2.98 -18.73 4.43
N SER B 148 -3.82 -17.80 3.98
CA SER B 148 -3.77 -16.42 4.41
C SER B 148 -4.53 -16.14 5.71
N CYS B 149 -5.40 -17.05 6.14
CA CYS B 149 -6.19 -16.77 7.34
C CYS B 149 -5.26 -16.49 8.52
N GLY B 150 -5.74 -15.62 9.40
CA GLY B 150 -4.95 -15.12 10.50
C GLY B 150 -4.08 -13.93 10.16
N SER B 151 -3.93 -13.58 8.89
CA SER B 151 -3.40 -12.26 8.54
C SER B 151 -4.29 -11.19 9.17
N VAL B 152 -3.68 -10.06 9.57
CA VAL B 152 -4.41 -9.07 10.33
C VAL B 152 -4.38 -7.73 9.61
N GLY B 153 -5.39 -6.93 9.94
CA GLY B 153 -5.51 -5.55 9.51
C GLY B 153 -5.26 -4.65 10.69
N PHE B 154 -4.67 -3.48 10.44
CA PHE B 154 -4.23 -2.62 11.54
C PHE B 154 -4.11 -1.18 11.06
N ASN B 155 -4.17 -0.27 12.03
CA ASN B 155 -3.73 1.11 11.91
C ASN B 155 -2.64 1.39 12.92
N ILE B 156 -1.79 2.36 12.63
CA ILE B 156 -0.71 2.74 13.53
C ILE B 156 -0.86 4.22 13.84
N ASP B 157 -1.10 4.55 15.12
CA ASP B 157 -1.26 5.94 15.59
C ASP B 157 -0.09 6.25 16.51
N TYR B 158 0.80 7.12 16.05
CA TYR B 158 2.05 7.37 16.73
C TYR B 158 2.86 6.09 16.65
N ASP B 159 3.07 5.42 17.78
CA ASP B 159 3.77 4.14 17.79
C ASP B 159 2.87 3.02 18.33
N CYS B 160 1.55 3.26 18.40
CA CYS B 160 0.60 2.29 18.92
C CYS B 160 -0.14 1.61 17.77
N VAL B 161 -0.08 0.30 17.73
CA VAL B 161 -0.72 -0.47 16.69
C VAL B 161 -2.13 -0.83 17.15
N SER B 162 -3.12 -0.39 16.39
CA SER B 162 -4.50 -0.74 16.63
C SER B 162 -4.89 -1.85 15.67
N PHE B 163 -4.98 -3.07 16.20
CA PHE B 163 -5.38 -4.24 15.43
C PHE B 163 -6.90 -4.24 15.27
N CYS B 164 -7.39 -4.27 14.03
CA CYS B 164 -8.84 -4.23 13.81
C CYS B 164 -9.44 -5.38 13.03
N TYR B 165 -8.64 -6.25 12.41
CA TYR B 165 -9.16 -7.27 11.49
C TYR B 165 -8.25 -8.49 11.56
N MET B 166 -8.88 -9.67 11.50
CA MET B 166 -8.18 -10.93 11.31
C MET B 166 -8.93 -11.74 10.25
N HIS B 167 -8.19 -12.30 9.29
CA HIS B 167 -8.83 -12.83 8.09
C HIS B 167 -9.32 -14.26 8.31
N HIS B 168 -10.56 -14.56 7.87
CA HIS B 168 -11.10 -15.91 8.02
C HIS B 168 -11.62 -16.54 6.72
N MET B 169 -12.14 -15.77 5.75
CA MET B 169 -12.80 -16.47 4.64
C MET B 169 -13.00 -15.60 3.39
N GLU B 170 -13.35 -16.28 2.31
CA GLU B 170 -13.72 -15.66 1.05
C GLU B 170 -15.20 -15.92 0.80
N LEU B 171 -15.85 -14.98 0.15
CA LEU B 171 -17.25 -15.12 -0.21
C LEU B 171 -17.39 -15.43 -1.69
N PRO B 172 -18.57 -15.89 -2.12
CA PRO B 172 -18.72 -16.33 -3.51
C PRO B 172 -18.40 -15.27 -4.54
N THR B 173 -18.58 -13.98 -4.22
CA THR B 173 -18.23 -12.89 -5.12
C THR B 173 -16.73 -12.56 -5.08
N GLY B 174 -15.94 -13.28 -4.29
CA GLY B 174 -14.51 -13.04 -4.26
C GLY B 174 -14.07 -11.95 -3.30
N VAL B 175 -14.98 -11.36 -2.54
CA VAL B 175 -14.59 -10.47 -1.46
C VAL B 175 -14.35 -11.28 -0.19
N HIS B 176 -13.89 -10.62 0.88
CA HIS B 176 -13.29 -11.28 2.02
C HIS B 176 -13.99 -10.83 3.29
N ALA B 177 -14.00 -11.70 4.29
CA ALA B 177 -14.66 -11.46 5.54
C ALA B 177 -13.84 -12.04 6.69
N GLY B 178 -14.04 -11.46 7.86
CA GLY B 178 -13.27 -11.80 9.04
C GLY B 178 -13.82 -11.12 10.26
N THR B 179 -13.00 -11.16 11.30
CA THR B 179 -13.39 -10.74 12.65
C THR B 179 -12.47 -9.63 13.13
N ASP B 180 -12.87 -9.02 14.25
CA ASP B 180 -11.98 -8.19 15.05
C ASP B 180 -11.11 -9.13 15.89
N LEU B 181 -10.20 -8.56 16.70
CA LEU B 181 -9.28 -9.38 17.46
C LEU B 181 -9.93 -9.93 18.74
N GLU B 182 -11.17 -9.56 19.04
CA GLU B 182 -11.98 -10.29 20.01
C GLU B 182 -12.78 -11.43 19.37
N GLY B 183 -12.56 -11.69 18.09
CA GLY B 183 -13.21 -12.79 17.41
C GLY B 183 -14.64 -12.57 16.95
N ASN B 184 -15.15 -11.35 17.00
CA ASN B 184 -16.51 -11.06 16.54
C ASN B 184 -16.48 -10.69 15.07
N PHE B 185 -17.20 -11.45 14.24
CA PHE B 185 -17.20 -11.16 12.81
C PHE B 185 -17.69 -9.74 12.55
N TYR B 186 -17.11 -9.14 11.52
CA TYR B 186 -17.73 -8.01 10.84
C TYR B 186 -18.80 -8.57 9.92
N GLY B 187 -20.02 -8.11 10.08
CA GLY B 187 -21.07 -8.52 9.17
C GLY B 187 -21.75 -9.77 9.65
N PRO B 188 -22.73 -10.23 8.88
CA PRO B 188 -23.55 -11.38 9.27
C PRO B 188 -22.99 -12.69 8.74
N PHE B 189 -21.71 -12.94 9.01
CA PHE B 189 -21.05 -14.11 8.48
C PHE B 189 -20.66 -15.01 9.65
N VAL B 190 -20.48 -16.28 9.32
CA VAL B 190 -20.09 -17.33 10.27
C VAL B 190 -18.93 -18.10 9.66
N ASP B 191 -18.05 -18.65 10.53
CA ASP B 191 -16.92 -19.42 10.03
C ASP B 191 -17.29 -20.88 9.81
N ARG B 192 -17.99 -21.13 8.69
CA ARG B 192 -18.36 -22.46 8.23
C ARG B 192 -18.26 -22.46 6.71
N GLN B 193 -17.81 -23.58 6.16
CA GLN B 193 -17.56 -23.69 4.72
C GLN B 193 -18.89 -23.94 4.00
N THR B 194 -19.74 -22.94 4.10
CA THR B 194 -21.06 -22.92 3.49
C THR B 194 -21.18 -21.65 2.65
N ALA B 195 -21.91 -21.72 1.53
CA ALA B 195 -22.04 -20.55 0.68
C ALA B 195 -22.84 -19.45 1.41
N GLN B 196 -22.23 -18.27 1.55
CA GLN B 196 -22.88 -17.13 2.20
C GLN B 196 -22.79 -15.93 1.27
N ALA B 197 -23.71 -14.99 1.42
CA ALA B 197 -23.77 -13.84 0.51
C ALA B 197 -23.73 -12.55 1.31
N ALA B 198 -22.96 -11.60 0.81
CA ALA B 198 -22.90 -10.28 1.44
C ALA B 198 -24.09 -9.44 1.00
N GLY B 199 -24.49 -8.52 1.86
CA GLY B 199 -25.47 -7.51 1.52
C GLY B 199 -25.05 -6.80 0.26
N THR B 200 -25.99 -6.30 -0.54
CA THR B 200 -25.59 -5.50 -1.70
C THR B 200 -24.80 -4.31 -1.19
N ASP B 201 -23.71 -3.98 -1.88
CA ASP B 201 -22.82 -2.98 -1.35
C ASP B 201 -23.32 -1.60 -1.75
N THR B 202 -22.80 -0.61 -1.05
CA THR B 202 -23.16 0.78 -1.26
C THR B 202 -21.89 1.60 -1.29
N THR B 203 -22.02 2.83 -1.72
CA THR B 203 -20.89 3.75 -1.77
C THR B 203 -20.66 4.41 -0.42
N ILE B 204 -19.39 4.53 -0.04
CA ILE B 204 -19.08 5.10 1.27
C ILE B 204 -19.10 6.63 1.21
N THR B 205 -20.24 7.20 1.56
CA THR B 205 -20.50 8.61 1.40
C THR B 205 -19.48 9.45 2.14
N VAL B 206 -19.19 9.09 3.39
CA VAL B 206 -18.26 9.92 4.19
C VAL B 206 -16.92 10.04 3.50
N ASN B 207 -16.47 8.96 2.87
CA ASN B 207 -15.22 8.99 2.16
C ASN B 207 -15.32 9.78 0.88
N VAL B 208 -16.46 9.73 0.20
CA VAL B 208 -16.60 10.58 -0.97
C VAL B 208 -16.51 12.05 -0.56
N LEU B 209 -17.19 12.43 0.52
CA LEU B 209 -17.08 13.80 0.99
C LEU B 209 -15.64 14.13 1.30
N ALA B 210 -14.90 13.21 1.90
CA ALA B 210 -13.48 13.49 2.18
C ALA B 210 -12.73 13.74 0.90
N TRP B 211 -13.05 12.97 -0.13
CA TRP B 211 -12.45 13.14 -1.45
C TRP B 211 -12.76 14.50 -2.04
N LEU B 212 -14.01 14.96 -1.90
CA LEU B 212 -14.35 16.30 -2.38
C LEU B 212 -13.60 17.38 -1.61
N TYR B 213 -13.46 17.20 -0.29
CA TYR B 213 -12.65 18.13 0.51
C TYR B 213 -11.20 18.14 0.03
N ALA B 214 -10.63 16.95 -0.23
CA ALA B 214 -9.30 16.85 -0.82
C ALA B 214 -9.22 17.64 -2.13
N ALA B 215 -10.21 17.50 -3.01
CA ALA B 215 -10.20 18.25 -4.26
C ALA B 215 -10.15 19.75 -3.99
N VAL B 216 -10.94 20.21 -3.01
CA VAL B 216 -10.98 21.63 -2.73
C VAL B 216 -9.61 22.08 -2.21
N ILE B 217 -8.99 21.25 -1.36
CA ILE B 217 -7.69 21.62 -0.80
C ILE B 217 -6.68 21.84 -1.90
N ASN B 218 -6.78 21.08 -2.99
CA ASN B 218 -5.87 21.18 -4.12
C ASN B 218 -6.39 22.11 -5.21
N GLY B 219 -7.35 22.96 -4.91
CA GLY B 219 -7.76 24.00 -5.84
C GLY B 219 -8.81 23.60 -6.86
N ASP B 220 -9.38 22.41 -6.75
CA ASP B 220 -10.36 21.90 -7.72
C ASP B 220 -11.73 22.00 -7.08
N ARG B 221 -12.45 23.10 -7.36
CA ARG B 221 -13.65 23.36 -6.57
C ARG B 221 -14.86 23.80 -7.41
N TRP B 222 -14.91 23.42 -8.70
CA TRP B 222 -16.04 23.86 -9.52
C TRP B 222 -17.39 23.40 -8.98
N PHE B 223 -17.42 22.26 -8.28
CA PHE B 223 -18.65 21.62 -7.83
C PHE B 223 -19.24 22.24 -6.56
N LEU B 224 -18.57 23.20 -5.94
CA LEU B 224 -19.14 23.86 -4.78
C LEU B 224 -20.31 24.74 -5.24
N ASN B 225 -21.46 24.62 -4.55
CA ASN B 225 -22.64 25.45 -4.82
C ASN B 225 -22.92 26.35 -3.63
N ARG B 226 -23.90 27.24 -3.79
CA ARG B 226 -24.23 28.26 -2.78
C ARG B 226 -25.22 27.76 -1.75
N PHE B 227 -25.49 26.46 -1.70
CA PHE B 227 -26.63 25.91 -0.99
C PHE B 227 -26.22 24.92 0.08
N THR B 228 -27.20 24.50 0.86
CA THR B 228 -26.99 23.54 1.93
C THR B 228 -28.21 22.64 2.00
N THR B 229 -28.16 21.67 2.90
CA THR B 229 -29.26 20.72 3.06
C THR B 229 -29.25 20.31 4.52
N THR B 230 -30.35 19.69 4.94
CA THR B 230 -30.33 19.00 6.21
C THR B 230 -29.72 17.64 6.02
N LEU B 231 -29.26 17.05 7.12
CA LEU B 231 -28.67 15.72 7.05
C LEU B 231 -29.72 14.69 6.65
N ASN B 232 -30.94 14.82 7.17
CA ASN B 232 -32.00 13.88 6.82
C ASN B 232 -32.34 13.93 5.32
N ASP B 233 -32.58 15.13 4.78
CA ASP B 233 -32.84 15.23 3.34
C ASP B 233 -31.70 14.63 2.54
N PHE B 234 -30.46 14.90 2.94
CA PHE B 234 -29.35 14.33 2.19
C PHE B 234 -29.39 12.81 2.24
N ASN B 235 -29.63 12.27 3.42
CA ASN B 235 -29.60 10.83 3.59
C ASN B 235 -30.69 10.15 2.76
N LEU B 236 -31.90 10.72 2.74
CA LEU B 236 -32.98 10.14 1.93
C LEU B 236 -32.66 10.16 0.44
N VAL B 237 -32.09 11.26 -0.05
CA VAL B 237 -31.71 11.31 -1.44
C VAL B 237 -30.57 10.33 -1.70
N ALA B 238 -29.56 10.33 -0.82
CA ALA B 238 -28.37 9.53 -1.08
C ALA B 238 -28.72 8.05 -1.22
N MET B 239 -29.64 7.57 -0.38
CA MET B 239 -30.01 6.16 -0.45
C MET B 239 -30.59 5.82 -1.81
N LYS B 240 -31.20 6.79 -2.49
CA LYS B 240 -31.74 6.53 -3.83
C LYS B 240 -30.64 6.32 -4.86
N TYR B 241 -29.41 6.69 -4.54
CA TYR B 241 -28.27 6.48 -5.42
C TYR B 241 -27.32 5.40 -4.93
N ASN B 242 -27.76 4.58 -3.98
CA ASN B 242 -26.95 3.48 -3.44
C ASN B 242 -25.74 4.02 -2.69
N TYR B 243 -25.89 5.21 -2.13
CA TYR B 243 -24.93 5.79 -1.20
C TYR B 243 -25.38 5.49 0.24
N GLU B 244 -24.40 5.28 1.11
CA GLU B 244 -24.70 5.06 2.52
C GLU B 244 -25.22 6.33 3.18
N PRO B 245 -26.20 6.22 4.06
CA PRO B 245 -26.57 7.36 4.88
C PRO B 245 -25.42 7.72 5.83
N LEU B 246 -25.32 9.00 6.09
CA LEU B 246 -24.33 9.49 7.01
C LEU B 246 -24.81 9.35 8.46
N THR B 247 -23.85 9.11 9.34
CA THR B 247 -24.07 9.10 10.77
C THR B 247 -23.52 10.38 11.37
N GLN B 248 -23.88 10.61 12.63
CA GLN B 248 -23.30 11.71 13.37
C GLN B 248 -21.78 11.55 13.49
N ASP B 249 -21.28 10.32 13.62
CA ASP B 249 -19.84 10.10 13.70
C ASP B 249 -19.16 10.51 12.39
N HIS B 250 -19.81 10.24 11.26
CA HIS B 250 -19.30 10.70 9.97
C HIS B 250 -19.20 12.22 9.91
N VAL B 251 -20.24 12.90 10.34
CA VAL B 251 -20.20 14.36 10.37
C VAL B 251 -19.04 14.82 11.24
N ASP B 252 -18.83 14.14 12.37
CA ASP B 252 -17.77 14.54 13.29
C ASP B 252 -16.39 14.31 12.70
N ILE B 253 -16.17 13.20 11.98
CA ILE B 253 -14.83 12.94 11.48
C ILE B 253 -14.49 13.77 10.26
N LEU B 254 -15.49 14.40 9.63
CA LEU B 254 -15.24 15.40 8.59
C LEU B 254 -14.88 16.75 9.17
N GLY B 255 -14.94 16.93 10.49
CA GLY B 255 -14.73 18.21 11.14
C GLY B 255 -13.41 18.88 10.77
N PRO B 256 -12.32 18.14 10.87
CA PRO B 256 -11.03 18.73 10.55
C PRO B 256 -10.93 19.23 9.12
N LEU B 257 -11.46 18.49 8.14
CA LEU B 257 -11.41 18.95 6.75
C LEU B 257 -12.35 20.12 6.53
N SER B 258 -13.52 20.09 7.20
CA SER B 258 -14.44 21.23 7.14
C SER B 258 -13.76 22.48 7.63
N ALA B 259 -13.02 22.34 8.73
CA ALA B 259 -12.32 23.49 9.32
C ALA B 259 -11.18 23.95 8.42
N GLN B 260 -10.41 23.01 7.86
CA GLN B 260 -9.31 23.36 6.97
C GLN B 260 -9.79 24.13 5.75
N THR B 261 -10.98 23.79 5.23
CA THR B 261 -11.51 24.42 4.03
C THR B 261 -12.53 25.52 4.29
N GLY B 262 -13.12 25.59 5.49
CA GLY B 262 -14.19 26.52 5.77
C GLY B 262 -15.48 26.17 5.06
N ILE B 263 -15.60 24.94 4.59
CA ILE B 263 -16.83 24.48 3.95
C ILE B 263 -17.55 23.55 4.93
N ALA B 264 -18.71 24.00 5.41
CA ALA B 264 -19.47 23.22 6.37
C ALA B 264 -19.82 21.87 5.76
N VAL B 265 -19.90 20.85 6.62
CA VAL B 265 -20.18 19.51 6.14
C VAL B 265 -21.47 19.46 5.35
N LEU B 266 -22.53 20.12 5.86
CA LEU B 266 -23.83 20.07 5.17
C LEU B 266 -23.83 20.84 3.86
N ASP B 267 -22.99 21.87 3.72
CA ASP B 267 -22.83 22.47 2.40
C ASP B 267 -22.16 21.51 1.44
N MET B 268 -21.12 20.79 1.90
CA MET B 268 -20.53 19.84 1.00
C MET B 268 -21.53 18.76 0.64
N CYS B 269 -22.36 18.34 1.61
CA CYS B 269 -23.42 17.39 1.28
C CYS B 269 -24.31 17.90 0.15
N ALA B 270 -24.65 19.18 0.17
CA ALA B 270 -25.47 19.73 -0.90
C ALA B 270 -24.73 19.68 -2.23
N SER B 271 -23.43 19.94 -2.22
CA SER B 271 -22.66 19.82 -3.44
C SER B 271 -22.69 18.38 -3.95
N LEU B 272 -22.55 17.41 -3.05
CA LEU B 272 -22.56 16.03 -3.48
C LEU B 272 -23.91 15.66 -4.06
N LYS B 273 -24.97 16.05 -3.38
CA LYS B 273 -26.32 15.78 -3.87
C LYS B 273 -26.47 16.26 -5.29
N GLU B 274 -25.96 17.47 -5.57
CA GLU B 274 -26.09 17.99 -6.94
C GLU B 274 -25.31 17.13 -7.93
N LEU B 275 -24.12 16.65 -7.53
CA LEU B 275 -23.37 15.73 -8.39
C LEU B 275 -24.18 14.46 -8.64
N LEU B 276 -24.84 13.96 -7.62
CA LEU B 276 -25.62 12.74 -7.78
C LEU B 276 -26.78 12.96 -8.74
N GLN B 277 -27.51 14.05 -8.52
CA GLN B 277 -28.76 14.32 -9.24
C GLN B 277 -28.53 14.83 -10.65
N ASN B 278 -27.44 15.55 -10.86
CA ASN B 278 -27.16 16.17 -12.15
C ASN B 278 -26.02 15.49 -12.88
N GLY B 279 -25.27 14.65 -12.22
CA GLY B 279 -24.09 14.06 -12.82
C GLY B 279 -22.93 15.05 -12.94
N MET B 280 -21.82 14.51 -13.44
CA MET B 280 -20.60 15.28 -13.63
C MET B 280 -20.64 16.15 -14.88
N ASN B 281 -21.45 15.80 -15.87
CA ASN B 281 -21.56 16.57 -17.11
C ASN B 281 -20.19 16.68 -17.80
N GLY B 282 -19.49 15.55 -17.89
CA GLY B 282 -18.23 15.52 -18.60
C GLY B 282 -17.09 16.22 -17.92
N ARG B 283 -17.24 16.54 -16.64
CA ARG B 283 -16.19 17.17 -15.86
C ARG B 283 -15.45 16.11 -15.07
N THR B 284 -14.26 16.48 -14.61
CA THR B 284 -13.48 15.62 -13.74
C THR B 284 -13.28 16.33 -12.41
N ILE B 285 -13.00 15.52 -11.39
CA ILE B 285 -12.66 16.02 -10.08
C ILE B 285 -11.38 15.30 -9.72
N LEU B 286 -10.34 16.06 -9.41
CA LEU B 286 -9.05 15.46 -9.13
C LEU B 286 -8.61 14.55 -10.28
N GLY B 287 -9.00 14.88 -11.50
CA GLY B 287 -8.54 14.16 -12.67
C GLY B 287 -9.42 13.01 -13.10
N SER B 288 -10.54 12.77 -12.44
CA SER B 288 -11.34 11.60 -12.70
C SER B 288 -12.81 11.98 -12.81
N ALA B 289 -13.55 11.21 -13.61
CA ALA B 289 -15.00 11.32 -13.62
C ALA B 289 -15.65 10.42 -12.59
N LEU B 290 -14.86 9.66 -11.86
CA LEU B 290 -15.36 8.75 -10.85
C LEU B 290 -15.08 9.34 -9.48
N LEU B 291 -16.08 9.29 -8.60
CA LEU B 291 -15.88 9.67 -7.21
C LEU B 291 -15.25 8.50 -6.44
N GLU B 292 -14.20 8.78 -5.72
CA GLU B 292 -13.47 7.77 -4.95
C GLU B 292 -14.07 7.66 -3.56
N ASP B 293 -14.23 6.41 -3.07
CA ASP B 293 -14.81 6.21 -1.75
C ASP B 293 -13.95 5.34 -0.81
N GLU B 294 -12.65 5.14 -1.10
CA GLU B 294 -11.79 4.37 -0.20
C GLU B 294 -10.68 5.20 0.44
N PHE B 295 -10.79 6.53 0.43
CA PHE B 295 -9.94 7.40 1.25
C PHE B 295 -10.77 8.07 2.33
N THR B 296 -10.45 7.75 3.59
CA THR B 296 -11.12 8.36 4.73
C THR B 296 -10.65 9.78 4.97
N PRO B 297 -11.34 10.51 5.82
CA PRO B 297 -10.88 11.87 6.15
C PRO B 297 -9.47 11.86 6.71
N PHE B 298 -9.12 10.85 7.52
CA PHE B 298 -7.75 10.71 8.03
C PHE B 298 -6.77 10.48 6.89
N ASP B 299 -7.13 9.63 5.93
CA ASP B 299 -6.26 9.36 4.79
C ASP B 299 -5.96 10.64 4.01
N VAL B 300 -6.98 11.45 3.79
CA VAL B 300 -6.82 12.68 3.02
C VAL B 300 -5.85 13.63 3.73
N VAL B 301 -6.03 13.79 5.04
CA VAL B 301 -5.19 14.73 5.78
C VAL B 301 -3.74 14.25 5.75
N ARG B 302 -3.54 12.94 5.88
CA ARG B 302 -2.21 12.36 5.95
C ARG B 302 -1.45 12.52 4.62
N GLN B 303 -2.15 12.57 3.50
CA GLN B 303 -1.51 12.79 2.19
C GLN B 303 -1.55 14.24 1.71
N CYS B 304 -2.39 15.09 2.30
CA CYS B 304 -2.37 16.48 1.90
C CYS B 304 -1.44 17.28 2.79
N SER B 305 -1.43 16.99 4.09
CA SER B 305 -0.78 17.88 5.08
C SER B 305 0.40 17.19 5.80
#